data_1YZ6
#
_entry.id   1YZ6
#
_cell.length_a   104.329
_cell.length_b   104.329
_cell.length_c   129.367
_cell.angle_alpha   90.00
_cell.angle_beta   90.00
_cell.angle_gamma   120.00
#
_symmetry.space_group_name_H-M   'P 31 2 1'
#
_entity_poly.entity_id   1
_entity_poly.type   'polypeptide(L)'
_entity_poly.pdbx_seq_one_letter_code
;PRRAREYPEEGEFVVATVKRIHNYGAFLELDEYPGKEAFMHISEVASTWVRNIRDYLKEGQKVVAKVIRVDPRKGHIDLS
LRRVTQQQRKAKLQEFKRAQKAENLLKLAAEKLGKDFETAWREVWVPLEEEWGEVYAAFEDAAKDGIDVLKGHVPDEWLP
VLKEIIDNYVEVPTVTIDAEFEITVPKPNGVEIIKEALIRARDRANKEKDVEVKFTYLGAPRYRIDITAPDYYKAEEVLE
SIAEEILRVIKEAGGEATLLRKEKRIKKVKKRKK
;
_entity_poly.pdbx_strand_id   A
#
# COMPACT_ATOMS: atom_id res chain seq x y z
N ALA A 4 11.28 18.62 -5.33
CA ALA A 4 11.32 19.38 -6.63
C ALA A 4 11.87 20.78 -6.38
N ARG A 5 11.00 21.78 -6.50
CA ARG A 5 11.41 23.16 -6.27
C ARG A 5 11.63 23.38 -4.79
N GLU A 6 12.19 24.53 -4.45
CA GLU A 6 12.52 24.88 -3.08
C GLU A 6 11.37 24.93 -2.06
N TYR A 7 10.41 25.83 -2.28
CA TYR A 7 9.28 25.98 -1.36
C TYR A 7 7.99 25.27 -1.74
N PRO A 8 7.13 25.02 -0.75
CA PRO A 8 5.85 24.36 -0.97
C PRO A 8 5.09 25.05 -2.08
N GLU A 9 3.94 24.47 -2.43
CA GLU A 9 3.10 25.00 -3.48
C GLU A 9 1.95 25.77 -2.83
N GLU A 10 1.46 26.78 -3.54
CA GLU A 10 0.38 27.56 -3.04
C GLU A 10 -0.83 26.65 -2.80
N GLY A 11 -1.02 26.21 -1.56
CA GLY A 11 -2.17 25.37 -1.28
C GLY A 11 -1.89 23.99 -0.73
N GLU A 12 -0.63 23.53 -0.83
CA GLU A 12 -0.25 22.20 -0.32
C GLU A 12 -0.60 21.96 1.15
N PHE A 13 -0.86 20.71 1.50
CA PHE A 13 -1.08 20.43 2.90
C PHE A 13 0.31 19.97 3.25
N VAL A 14 0.90 20.56 4.28
CA VAL A 14 2.25 20.16 4.64
C VAL A 14 2.41 19.71 6.07
N VAL A 15 3.59 19.18 6.38
CA VAL A 15 3.91 18.70 7.71
C VAL A 15 5.03 19.53 8.28
N ALA A 16 4.83 20.03 9.50
CA ALA A 16 5.82 20.88 10.13
C ALA A 16 6.00 20.70 11.65
N THR A 17 7.24 20.78 12.10
CA THR A 17 7.53 20.66 13.52
C THR A 17 7.44 22.03 14.16
N VAL A 18 6.71 22.11 15.27
CA VAL A 18 6.57 23.36 15.99
C VAL A 18 7.91 23.82 16.55
N LYS A 19 8.59 24.70 15.81
CA LYS A 19 9.88 25.21 16.26
C LYS A 19 9.71 26.15 17.47
N ARG A 20 9.14 27.32 17.22
CA ARG A 20 8.91 28.34 18.26
C ARG A 20 7.49 28.88 18.22
N ILE A 21 6.93 29.17 19.39
CA ILE A 21 5.59 29.70 19.43
C ILE A 21 5.44 30.76 20.49
N HIS A 22 4.62 31.77 20.18
CA HIS A 22 4.31 32.83 21.13
C HIS A 22 3.06 33.64 20.79
N ASN A 23 2.68 34.48 21.76
CA ASN A 23 1.52 35.36 21.70
C ASN A 23 0.75 35.43 20.38
N TYR A 24 1.45 35.75 19.30
CA TYR A 24 0.83 35.93 18.00
C TYR A 24 0.88 34.77 17.04
N GLY A 25 1.76 33.81 17.26
CA GLY A 25 1.80 32.72 16.32
C GLY A 25 2.80 31.64 16.62
N ALA A 26 3.16 30.90 15.57
CA ALA A 26 4.11 29.83 15.72
C ALA A 26 4.93 29.69 14.47
N PHE A 27 6.22 29.53 14.67
CA PHE A 27 7.16 29.35 13.59
C PHE A 27 7.42 27.89 13.57
N LEU A 28 7.18 27.26 12.43
CA LEU A 28 7.38 25.84 12.32
C LEU A 28 8.35 25.62 11.21
N GLU A 29 8.99 24.44 11.22
CA GLU A 29 9.94 24.09 10.18
C GLU A 29 9.30 22.95 9.40
N LEU A 30 9.22 23.11 8.08
CA LEU A 30 8.63 22.10 7.23
C LEU A 30 9.51 20.85 7.21
N ASP A 31 8.99 19.76 7.77
CA ASP A 31 9.74 18.52 7.82
C ASP A 31 10.02 17.92 6.46
N GLU A 32 9.42 18.50 5.41
CA GLU A 32 9.66 17.97 4.08
C GLU A 32 10.32 18.96 3.14
N TYR A 33 10.93 20.00 3.71
CA TYR A 33 11.63 21.02 2.93
C TYR A 33 12.86 21.47 3.70
N PRO A 34 13.85 20.58 3.83
CA PRO A 34 15.12 20.79 4.54
C PRO A 34 15.50 22.22 4.84
N GLY A 35 15.35 22.62 6.11
CA GLY A 35 15.72 23.98 6.48
C GLY A 35 14.70 25.12 6.41
N LYS A 36 13.91 25.19 5.33
CA LYS A 36 12.90 26.26 5.17
C LYS A 36 11.95 26.27 6.36
N GLU A 37 11.72 27.45 6.91
CA GLU A 37 10.85 27.58 8.08
C GLU A 37 9.65 28.44 7.74
N ALA A 38 8.48 28.02 8.23
CA ALA A 38 7.25 28.74 7.96
C ALA A 38 6.61 29.29 9.21
N PHE A 39 5.66 30.21 9.01
CA PHE A 39 4.94 30.85 10.10
C PHE A 39 3.46 30.58 10.10
N MET A 40 2.88 30.43 11.29
CA MET A 40 1.45 30.22 11.43
C MET A 40 0.92 31.26 12.39
N HIS A 41 0.02 32.13 11.93
CA HIS A 41 -0.52 33.17 12.81
C HIS A 41 -1.31 32.49 13.91
N ILE A 42 -1.81 33.24 14.87
CA ILE A 42 -2.60 32.64 15.93
C ILE A 42 -4.01 32.56 15.36
N SER A 43 -4.31 33.49 14.45
CA SER A 43 -5.61 33.52 13.82
C SER A 43 -5.83 32.31 12.94
N GLU A 44 -4.91 31.34 12.97
CA GLU A 44 -5.06 30.17 12.12
C GLU A 44 -4.90 28.89 12.91
N VAL A 45 -4.71 29.01 14.22
CA VAL A 45 -4.55 27.81 15.00
C VAL A 45 -5.86 27.07 15.17
N ALA A 46 -6.95 27.83 15.37
CA ALA A 46 -8.30 27.27 15.55
C ALA A 46 -9.37 28.11 14.83
N SER A 47 -10.59 27.56 14.72
CA SER A 47 -11.70 28.26 14.06
C SER A 47 -12.43 29.16 15.04
N THR A 48 -11.72 29.58 16.08
CA THR A 48 -12.23 30.44 17.13
C THR A 48 -11.01 31.08 17.74
N TRP A 49 -11.06 32.37 18.05
CA TRP A 49 -9.89 33.02 18.64
C TRP A 49 -9.43 32.20 19.86
N VAL A 50 -8.14 31.97 19.94
CA VAL A 50 -7.56 31.16 21.01
C VAL A 50 -7.31 31.92 22.29
N ARG A 51 -7.34 31.22 23.43
CA ARG A 51 -7.07 31.85 24.73
C ARG A 51 -5.56 31.71 25.01
N ASN A 52 -5.04 30.48 24.88
CA ASN A 52 -3.62 30.18 25.06
C ASN A 52 -3.21 29.31 23.87
N ILE A 53 -2.29 29.77 23.02
CA ILE A 53 -1.90 28.92 21.89
C ILE A 53 -1.38 27.61 22.45
N ARG A 54 -0.91 27.65 23.70
CA ARG A 54 -0.38 26.47 24.37
C ARG A 54 -1.30 25.25 24.27
N ASP A 55 -2.59 25.47 24.49
CA ASP A 55 -3.58 24.42 24.45
C ASP A 55 -3.63 23.73 23.09
N TYR A 56 -2.88 24.25 22.12
CA TYR A 56 -2.87 23.66 20.79
C TYR A 56 -1.49 23.18 20.36
N LEU A 57 -0.55 24.12 20.33
CA LEU A 57 0.82 23.80 19.92
C LEU A 57 1.76 23.58 21.09
N LYS A 58 2.83 22.85 20.81
CA LYS A 58 3.88 22.53 21.79
C LYS A 58 5.20 22.27 21.06
N GLU A 59 6.28 22.86 21.59
CA GLU A 59 7.62 22.73 21.01
C GLU A 59 7.91 21.32 20.49
N GLY A 60 8.36 21.22 19.24
CA GLY A 60 8.67 19.92 18.67
C GLY A 60 7.48 19.15 18.11
N GLN A 61 6.26 19.58 18.44
CA GLN A 61 5.07 18.92 17.95
C GLN A 61 5.04 18.94 16.42
N LYS A 62 4.59 17.84 15.82
CA LYS A 62 4.49 17.77 14.36
C LYS A 62 3.05 18.11 14.01
N VAL A 63 2.82 18.58 12.80
CA VAL A 63 1.48 19.00 12.40
C VAL A 63 1.34 19.11 10.89
N VAL A 64 0.12 18.94 10.41
CA VAL A 64 -0.13 19.07 8.99
C VAL A 64 -0.97 20.31 8.80
N ALA A 65 -0.44 21.29 8.09
CA ALA A 65 -1.15 22.54 7.85
C ALA A 65 -1.29 22.87 6.37
N LYS A 66 -2.08 23.90 6.09
CA LYS A 66 -2.31 24.30 4.73
C LYS A 66 -1.57 25.58 4.40
N VAL A 67 -0.71 25.50 3.40
CA VAL A 67 0.05 26.65 2.95
C VAL A 67 -0.94 27.68 2.44
N ILE A 68 -1.37 28.58 3.32
CA ILE A 68 -2.31 29.62 2.94
C ILE A 68 -1.75 30.57 1.90
N ARG A 69 -0.56 31.11 2.18
CA ARG A 69 0.10 32.07 1.28
C ARG A 69 1.61 31.86 1.39
N VAL A 70 2.32 32.07 0.28
CA VAL A 70 3.76 31.90 0.31
C VAL A 70 4.55 32.76 -0.70
N ASP A 71 5.72 33.22 -0.27
CA ASP A 71 6.63 34.04 -1.09
C ASP A 71 8.05 33.48 -0.99
N PRO A 72 8.52 32.83 -2.06
CA PRO A 72 9.85 32.21 -2.16
C PRO A 72 11.01 33.19 -2.17
N ARG A 73 10.84 34.25 -2.95
CA ARG A 73 11.83 35.30 -3.11
C ARG A 73 12.35 35.77 -1.74
N LYS A 74 11.51 35.61 -0.73
CA LYS A 74 11.85 36.01 0.63
C LYS A 74 12.06 34.82 1.55
N GLY A 75 11.39 33.71 1.25
CA GLY A 75 11.52 32.52 2.06
C GLY A 75 10.52 32.43 3.20
N HIS A 76 9.42 33.15 3.02
CA HIS A 76 8.38 33.17 4.02
C HIS A 76 7.24 32.26 3.63
N ILE A 77 6.83 31.40 4.56
CA ILE A 77 5.74 30.49 4.29
C ILE A 77 4.70 30.63 5.37
N ASP A 78 3.53 31.13 5.01
CA ASP A 78 2.44 31.33 5.97
C ASP A 78 1.56 30.09 6.03
N LEU A 79 1.35 29.56 7.23
CA LEU A 79 0.58 28.32 7.39
C LEU A 79 -0.72 28.40 8.15
N SER A 80 -1.58 27.40 7.92
CA SER A 80 -2.89 27.30 8.54
C SER A 80 -3.23 25.97 9.16
N LEU A 81 -3.93 26.04 10.26
CA LEU A 81 -4.36 24.85 10.95
C LEU A 81 -5.86 24.71 10.77
N ARG A 82 -6.57 25.84 10.78
CA ARG A 82 -8.02 25.85 10.60
C ARG A 82 -8.42 25.01 9.41
N ARG A 83 -8.31 25.56 8.20
CA ARG A 83 -8.72 24.79 7.03
C ARG A 83 -7.97 23.43 6.89
N VAL A 84 -8.45 22.44 7.62
CA VAL A 84 -7.85 21.12 7.59
C VAL A 84 -8.85 20.15 8.21
N THR A 85 -9.71 19.56 7.39
CA THR A 85 -10.70 18.62 7.91
C THR A 85 -10.10 17.21 8.00
N GLN A 86 -10.44 16.51 9.09
CA GLN A 86 -9.98 15.15 9.36
C GLN A 86 -9.47 14.41 8.13
N GLN A 87 -10.25 14.43 7.05
CA GLN A 87 -9.86 13.77 5.80
C GLN A 87 -8.60 14.45 5.27
N GLN A 88 -8.71 15.75 5.06
CA GLN A 88 -7.61 16.57 4.56
C GLN A 88 -6.33 16.06 5.20
N ARG A 89 -6.33 16.09 6.53
CA ARG A 89 -5.20 15.66 7.36
C ARG A 89 -4.63 14.29 7.05
N LYS A 90 -5.31 13.25 7.54
CA LYS A 90 -4.83 11.89 7.33
C LYS A 90 -4.47 11.64 5.87
N ALA A 91 -5.12 12.37 4.96
CA ALA A 91 -4.83 12.24 3.55
C ALA A 91 -3.32 12.44 3.35
N LYS A 92 -2.78 13.41 4.09
CA LYS A 92 -1.37 13.72 4.03
C LYS A 92 -0.62 12.84 5.01
N LEU A 93 -1.05 12.86 6.28
CA LEU A 93 -0.37 12.06 7.29
C LEU A 93 -0.03 10.70 6.68
N GLN A 94 -0.89 10.27 5.77
CA GLN A 94 -0.73 9.02 5.08
C GLN A 94 0.53 9.08 4.21
N GLU A 95 0.41 9.77 3.07
CA GLU A 95 1.51 9.93 2.12
C GLU A 95 2.85 10.21 2.77
N PHE A 96 2.81 10.83 3.94
CA PHE A 96 4.03 11.11 4.67
C PHE A 96 4.50 9.74 5.14
N LYS A 97 3.75 9.17 6.10
CA LYS A 97 4.00 7.84 6.67
C LYS A 97 4.46 6.88 5.56
N ARG A 98 3.90 7.12 4.38
CA ARG A 98 4.16 6.36 3.17
C ARG A 98 5.59 6.55 2.69
N ALA A 99 5.88 7.76 2.20
CA ALA A 99 7.21 8.09 1.72
C ALA A 99 8.20 7.91 2.86
N GLN A 100 7.69 8.02 4.08
CA GLN A 100 8.48 7.84 5.28
C GLN A 100 9.18 6.48 5.15
N LYS A 101 8.40 5.42 4.98
CA LYS A 101 8.97 4.08 4.82
C LYS A 101 9.83 3.99 3.55
N ALA A 102 9.34 4.57 2.46
CA ALA A 102 10.08 4.55 1.18
C ALA A 102 11.50 5.05 1.40
N GLU A 103 11.68 5.84 2.46
CA GLU A 103 12.96 6.41 2.85
C GLU A 103 13.80 5.38 3.58
N ASN A 104 13.32 4.93 4.75
CA ASN A 104 14.01 3.92 5.58
C ASN A 104 14.47 2.73 4.76
N LEU A 105 13.88 2.57 3.57
CA LEU A 105 14.23 1.49 2.67
C LEU A 105 15.40 1.89 1.78
N LEU A 106 15.43 3.15 1.35
CA LEU A 106 16.51 3.67 0.50
C LEU A 106 17.75 3.83 1.37
N LYS A 107 17.53 4.32 2.59
CA LYS A 107 18.60 4.52 3.56
C LYS A 107 19.17 3.15 3.90
N LEU A 108 18.28 2.18 4.01
CA LEU A 108 18.69 0.82 4.33
C LEU A 108 19.45 0.24 3.13
N ALA A 109 19.43 0.97 2.03
CA ALA A 109 20.11 0.55 0.80
C ALA A 109 21.54 1.06 0.74
N ALA A 110 21.82 2.17 1.42
CA ALA A 110 23.18 2.72 1.40
C ALA A 110 24.05 1.96 2.40
N GLU A 111 23.41 1.31 3.36
CA GLU A 111 24.10 0.55 4.39
C GLU A 111 24.63 -0.78 3.87
N LYS A 112 23.89 -1.42 2.97
CA LYS A 112 24.31 -2.70 2.43
C LYS A 112 25.16 -2.47 1.17
N LEU A 113 24.90 -1.38 0.47
CA LEU A 113 25.66 -1.07 -0.74
C LEU A 113 26.87 -0.24 -0.30
N GLY A 114 26.85 0.19 0.95
CA GLY A 114 27.95 0.96 1.51
C GLY A 114 28.25 2.28 0.81
N LYS A 115 27.24 3.13 0.68
CA LYS A 115 27.41 4.42 0.04
C LYS A 115 26.91 5.58 0.92
N ASP A 116 26.92 6.79 0.36
CA ASP A 116 26.49 7.99 1.06
C ASP A 116 24.99 8.21 0.85
N PHE A 117 24.33 8.81 1.84
CA PHE A 117 22.90 9.10 1.76
C PHE A 117 22.58 9.95 0.54
N GLU A 118 23.27 11.09 0.43
CA GLU A 118 23.09 12.01 -0.69
C GLU A 118 23.47 11.39 -2.05
N THR A 119 24.63 10.73 -2.10
CA THR A 119 25.12 10.11 -3.34
C THR A 119 24.24 8.97 -3.81
N ALA A 120 23.09 8.80 -3.16
CA ALA A 120 22.14 7.75 -3.51
C ALA A 120 20.82 8.43 -3.79
N TRP A 121 20.40 9.21 -2.80
CA TRP A 121 19.18 9.99 -2.79
C TRP A 121 19.10 10.87 -4.03
N ARG A 122 20.20 10.96 -4.76
CA ARG A 122 20.26 11.76 -5.98
C ARG A 122 20.22 10.85 -7.21
N GLU A 123 20.55 9.58 -7.02
CA GLU A 123 20.57 8.65 -8.13
C GLU A 123 19.35 7.73 -8.20
N VAL A 124 18.49 7.80 -7.18
CA VAL A 124 17.27 6.99 -7.15
C VAL A 124 16.07 7.80 -6.64
N TRP A 125 16.06 8.08 -5.34
CA TRP A 125 14.95 8.82 -4.76
C TRP A 125 14.44 9.91 -5.68
N VAL A 126 15.32 10.40 -6.53
CA VAL A 126 14.95 11.43 -7.47
C VAL A 126 14.47 10.78 -8.78
N PRO A 127 15.31 9.93 -9.40
CA PRO A 127 14.81 9.33 -10.64
C PRO A 127 13.42 8.73 -10.46
N LEU A 128 13.19 8.12 -9.30
CA LEU A 128 11.90 7.48 -8.99
C LEU A 128 10.77 8.46 -8.70
N GLU A 129 10.92 9.27 -7.65
CA GLU A 129 9.91 10.28 -7.27
C GLU A 129 9.63 11.25 -8.45
N GLU A 130 10.18 10.92 -9.61
CA GLU A 130 10.04 11.71 -10.84
C GLU A 130 9.39 10.89 -11.96
N GLU A 131 9.87 9.67 -12.13
CA GLU A 131 9.33 8.80 -13.16
C GLU A 131 7.95 8.36 -12.73
N TRP A 132 7.84 7.96 -11.45
CA TRP A 132 6.59 7.45 -10.87
C TRP A 132 5.60 8.45 -10.29
N GLY A 133 6.05 9.24 -9.32
CA GLY A 133 5.18 10.21 -8.67
C GLY A 133 5.34 9.96 -7.18
N GLU A 134 5.69 8.70 -6.87
CA GLU A 134 5.93 8.25 -5.52
C GLU A 134 7.00 7.15 -5.54
N VAL A 135 7.90 7.22 -4.56
CA VAL A 135 8.98 6.26 -4.48
C VAL A 135 8.42 4.94 -3.98
N TYR A 136 7.75 4.99 -2.85
CA TYR A 136 7.19 3.77 -2.29
C TYR A 136 6.43 2.97 -3.32
N ALA A 137 5.52 3.63 -4.03
CA ALA A 137 4.73 2.97 -5.07
C ALA A 137 5.66 2.23 -6.01
N ALA A 138 6.74 2.89 -6.45
CA ALA A 138 7.71 2.28 -7.34
C ALA A 138 8.33 1.06 -6.67
N PHE A 139 8.64 1.18 -5.38
CA PHE A 139 9.23 0.08 -4.62
C PHE A 139 8.21 -1.04 -4.55
N GLU A 140 6.95 -0.67 -4.33
CA GLU A 140 5.86 -1.63 -4.25
C GLU A 140 5.72 -2.34 -5.56
N ASP A 141 5.53 -1.56 -6.61
CA ASP A 141 5.37 -2.16 -7.92
C ASP A 141 6.59 -2.97 -8.29
N ALA A 142 7.73 -2.67 -7.68
CA ALA A 142 8.92 -3.44 -7.99
C ALA A 142 8.72 -4.78 -7.33
N ALA A 143 8.13 -4.76 -6.15
CA ALA A 143 7.86 -5.96 -5.38
C ALA A 143 6.80 -6.82 -6.05
N LYS A 144 5.94 -6.23 -6.86
CA LYS A 144 4.95 -7.05 -7.52
C LYS A 144 5.56 -7.53 -8.81
N ASP A 145 5.50 -6.69 -9.85
CA ASP A 145 6.00 -7.00 -11.20
C ASP A 145 7.48 -7.41 -11.37
N GLY A 146 8.27 -7.28 -10.31
CA GLY A 146 9.68 -7.66 -10.38
C GLY A 146 10.63 -6.48 -10.33
N ILE A 147 11.77 -6.67 -9.67
CA ILE A 147 12.75 -5.58 -9.54
C ILE A 147 12.99 -4.87 -10.87
N ASP A 148 13.19 -5.66 -11.93
CA ASP A 148 13.48 -5.16 -13.28
C ASP A 148 12.81 -3.86 -13.74
N VAL A 149 11.65 -3.56 -13.17
CA VAL A 149 10.91 -2.35 -13.51
C VAL A 149 11.77 -1.11 -13.26
N LEU A 150 12.91 -1.30 -12.61
CA LEU A 150 13.80 -0.20 -12.30
C LEU A 150 15.02 -0.15 -13.21
N LYS A 151 15.30 -1.24 -13.90
CA LYS A 151 16.46 -1.24 -14.77
C LYS A 151 16.39 -0.09 -15.77
N GLY A 152 17.55 0.46 -16.10
CA GLY A 152 17.63 1.57 -17.04
C GLY A 152 17.24 2.88 -16.37
N HIS A 153 16.30 2.79 -15.43
CA HIS A 153 15.84 3.96 -14.71
C HIS A 153 16.78 4.35 -13.58
N VAL A 154 17.46 3.36 -13.01
CA VAL A 154 18.45 3.63 -11.96
C VAL A 154 19.65 2.71 -12.21
N PRO A 155 20.82 3.07 -11.66
CA PRO A 155 22.03 2.27 -11.83
C PRO A 155 21.81 0.78 -11.68
N ASP A 156 22.42 0.02 -12.59
CA ASP A 156 22.33 -1.43 -12.58
C ASP A 156 22.90 -1.99 -11.27
N GLU A 157 23.86 -1.27 -10.71
CA GLU A 157 24.55 -1.67 -9.46
C GLU A 157 23.71 -1.59 -8.19
N TRP A 158 22.49 -1.07 -8.33
CA TRP A 158 21.58 -0.91 -7.20
C TRP A 158 20.68 -2.13 -7.00
N LEU A 159 19.81 -2.32 -7.97
CA LEU A 159 18.85 -3.41 -8.01
C LEU A 159 19.07 -4.53 -6.98
N PRO A 160 20.11 -5.37 -7.17
CA PRO A 160 20.45 -6.49 -6.28
C PRO A 160 20.18 -6.25 -4.80
N VAL A 161 20.63 -5.11 -4.30
CA VAL A 161 20.43 -4.78 -2.90
C VAL A 161 18.95 -4.51 -2.67
N LEU A 162 18.36 -3.71 -3.55
CA LEU A 162 16.96 -3.35 -3.45
C LEU A 162 16.07 -4.59 -3.37
N LYS A 163 16.08 -5.43 -4.42
CA LYS A 163 15.27 -6.65 -4.43
C LYS A 163 15.33 -7.20 -3.01
N GLU A 164 16.55 -7.45 -2.53
CA GLU A 164 16.74 -7.97 -1.19
C GLU A 164 15.86 -7.22 -0.18
N ILE A 165 16.14 -5.93 -0.01
CA ILE A 165 15.41 -5.10 0.93
C ILE A 165 13.91 -5.17 0.71
N ILE A 166 13.48 -4.72 -0.47
CA ILE A 166 12.07 -4.71 -0.84
C ILE A 166 11.40 -5.94 -0.28
N ASP A 167 11.69 -7.08 -0.91
CA ASP A 167 11.13 -8.37 -0.51
C ASP A 167 11.00 -8.61 0.99
N ASN A 168 12.03 -8.25 1.75
CA ASN A 168 12.02 -8.49 3.19
C ASN A 168 11.10 -7.61 4.05
N TYR A 169 11.07 -6.31 3.76
CA TYR A 169 10.26 -5.36 4.52
C TYR A 169 8.90 -5.06 3.91
N VAL A 170 8.85 -4.96 2.58
CA VAL A 170 7.61 -4.70 1.88
C VAL A 170 6.72 -5.95 2.05
N GLU A 171 5.76 -6.16 1.16
CA GLU A 171 4.91 -7.33 1.30
C GLU A 171 4.81 -8.15 0.02
N VAL A 172 4.52 -9.43 0.19
CA VAL A 172 4.38 -10.39 -0.91
C VAL A 172 3.03 -10.33 -1.64
N PRO A 173 3.06 -9.86 -2.89
CA PRO A 173 1.83 -9.75 -3.70
C PRO A 173 1.42 -11.15 -4.13
N THR A 174 0.15 -11.33 -4.48
CA THR A 174 -0.34 -12.64 -4.88
C THR A 174 -1.31 -12.66 -6.07
N VAL A 175 -1.27 -13.77 -6.81
CA VAL A 175 -2.13 -13.97 -7.99
C VAL A 175 -3.49 -14.55 -7.62
N THR A 176 -4.37 -14.67 -8.58
CA THR A 176 -5.65 -15.24 -8.29
C THR A 176 -6.43 -15.69 -9.52
N ILE A 177 -7.16 -16.80 -9.39
CA ILE A 177 -7.88 -17.29 -10.54
C ILE A 177 -9.26 -17.81 -10.26
N ASP A 178 -10.16 -17.57 -11.20
CA ASP A 178 -11.53 -18.01 -11.06
C ASP A 178 -11.71 -19.23 -11.92
N ALA A 179 -12.71 -20.02 -11.58
CA ALA A 179 -13.02 -21.26 -12.30
C ALA A 179 -14.34 -21.67 -11.72
N GLU A 180 -15.17 -22.34 -12.54
CA GLU A 180 -16.45 -22.80 -12.04
C GLU A 180 -16.77 -24.25 -12.34
N PHE A 181 -17.57 -24.86 -11.46
CA PHE A 181 -17.97 -26.23 -11.63
C PHE A 181 -19.45 -26.37 -11.88
N GLU A 182 -19.81 -27.53 -12.45
CA GLU A 182 -21.20 -27.89 -12.68
C GLU A 182 -21.31 -29.09 -11.76
N ILE A 183 -21.72 -28.86 -10.52
CA ILE A 183 -21.84 -29.96 -9.58
C ILE A 183 -23.28 -30.31 -9.28
N THR A 184 -23.65 -31.56 -9.56
CA THR A 184 -25.01 -32.03 -9.32
C THR A 184 -25.07 -33.36 -8.59
N VAL A 185 -25.94 -33.38 -7.59
CA VAL A 185 -26.14 -34.55 -6.76
C VAL A 185 -27.62 -34.79 -6.57
N PRO A 186 -28.18 -35.80 -7.28
CA PRO A 186 -29.59 -36.20 -7.23
C PRO A 186 -29.81 -36.99 -5.94
N LYS A 187 -30.43 -36.34 -4.96
CA LYS A 187 -30.70 -36.93 -3.67
C LYS A 187 -31.33 -35.85 -2.79
N PRO A 188 -32.33 -36.20 -1.97
CA PRO A 188 -33.00 -35.24 -1.09
C PRO A 188 -32.10 -34.35 -0.24
N ASN A 189 -30.80 -34.62 -0.25
CA ASN A 189 -29.86 -33.79 0.50
C ASN A 189 -28.59 -33.54 -0.31
N GLY A 190 -28.75 -33.50 -1.65
CA GLY A 190 -27.61 -33.28 -2.54
C GLY A 190 -26.85 -32.05 -2.11
N VAL A 191 -27.59 -30.96 -2.00
CA VAL A 191 -27.02 -29.69 -1.58
C VAL A 191 -26.12 -30.03 -0.42
N GLU A 192 -26.76 -30.38 0.69
CA GLU A 192 -26.08 -30.76 1.92
C GLU A 192 -24.66 -31.23 1.67
N ILE A 193 -24.50 -32.27 0.86
CA ILE A 193 -23.16 -32.79 0.59
C ILE A 193 -22.38 -31.84 -0.29
N ILE A 194 -22.97 -31.44 -1.42
CA ILE A 194 -22.29 -30.50 -2.30
C ILE A 194 -21.58 -29.51 -1.38
N LYS A 195 -22.35 -28.79 -0.59
CA LYS A 195 -21.78 -27.85 0.36
C LYS A 195 -20.73 -28.58 1.16
N GLU A 196 -21.16 -29.56 1.93
CA GLU A 196 -20.21 -30.29 2.72
C GLU A 196 -18.97 -30.52 1.83
N ALA A 197 -19.19 -31.08 0.65
CA ALA A 197 -18.13 -31.39 -0.29
C ALA A 197 -17.12 -30.28 -0.54
N LEU A 198 -17.61 -29.09 -0.88
CA LEU A 198 -16.77 -27.93 -1.15
C LEU A 198 -16.10 -27.46 0.12
N ILE A 199 -16.87 -27.43 1.20
CA ILE A 199 -16.34 -27.01 2.48
C ILE A 199 -15.26 -27.96 2.94
N ARG A 200 -15.40 -29.25 2.63
CA ARG A 200 -14.38 -30.20 3.02
C ARG A 200 -13.12 -29.75 2.28
N ALA A 201 -13.19 -29.82 0.95
CA ALA A 201 -12.11 -29.44 0.04
C ALA A 201 -11.50 -28.09 0.36
N ARG A 202 -12.36 -27.12 0.60
CA ARG A 202 -11.91 -25.78 0.89
C ARG A 202 -10.94 -25.78 2.06
N ASP A 203 -11.48 -25.78 3.27
CA ASP A 203 -10.67 -25.77 4.50
C ASP A 203 -9.40 -26.58 4.35
N ARG A 204 -9.45 -27.60 3.50
CA ARG A 204 -8.31 -28.47 3.30
C ARG A 204 -7.17 -27.77 2.58
N ALA A 205 -7.50 -27.06 1.52
CA ALA A 205 -6.50 -26.35 0.73
C ALA A 205 -6.04 -25.11 1.45
N ASN A 206 -7.02 -24.35 1.94
CA ASN A 206 -6.78 -23.10 2.66
C ASN A 206 -5.67 -23.16 3.69
N LYS A 207 -5.28 -24.38 4.05
CA LYS A 207 -4.25 -24.57 5.06
C LYS A 207 -2.84 -24.28 4.60
N GLU A 208 -2.53 -24.64 3.35
CA GLU A 208 -1.19 -24.38 2.81
C GLU A 208 -0.92 -22.87 2.75
N LYS A 209 -0.65 -22.30 3.92
CA LYS A 209 -0.39 -20.87 4.01
C LYS A 209 0.25 -20.23 2.79
N ASP A 210 -0.48 -19.22 2.33
CA ASP A 210 -0.23 -18.38 1.19
C ASP A 210 -1.15 -18.79 0.06
N VAL A 211 -2.23 -19.45 0.49
CA VAL A 211 -3.30 -19.89 -0.39
C VAL A 211 -4.61 -19.55 0.26
N GLU A 212 -5.64 -19.38 -0.58
CA GLU A 212 -6.98 -19.04 -0.16
C GLU A 212 -7.93 -19.56 -1.21
N VAL A 213 -8.93 -20.34 -0.81
CA VAL A 213 -9.92 -20.83 -1.76
C VAL A 213 -11.31 -20.34 -1.37
N LYS A 214 -12.16 -20.03 -2.35
CA LYS A 214 -13.49 -19.52 -2.01
C LYS A 214 -14.54 -19.99 -3.00
N PHE A 215 -15.55 -20.68 -2.48
CA PHE A 215 -16.61 -21.20 -3.32
C PHE A 215 -17.84 -20.36 -3.26
N THR A 216 -18.10 -19.66 -4.36
CA THR A 216 -19.27 -18.82 -4.46
C THR A 216 -20.28 -19.58 -5.30
N TYR A 217 -21.47 -19.80 -4.77
CA TYR A 217 -22.51 -20.51 -5.50
C TYR A 217 -23.03 -19.50 -6.50
N LEU A 218 -23.58 -19.92 -7.62
CA LEU A 218 -24.09 -18.92 -8.54
C LEU A 218 -25.30 -19.33 -9.37
N GLY A 219 -26.01 -20.36 -8.89
CA GLY A 219 -27.20 -20.84 -9.58
C GLY A 219 -27.00 -22.26 -10.03
N ALA A 220 -27.77 -23.18 -9.48
CA ALA A 220 -27.65 -24.60 -9.81
C ALA A 220 -27.43 -24.75 -11.32
N PRO A 221 -26.51 -25.65 -11.71
CA PRO A 221 -25.64 -26.49 -10.88
C PRO A 221 -24.22 -25.94 -10.76
N ARG A 222 -24.05 -24.65 -11.07
CA ARG A 222 -22.75 -23.99 -11.03
C ARG A 222 -22.29 -23.45 -9.69
N TYR A 223 -20.99 -23.50 -9.48
CA TYR A 223 -20.36 -23.00 -8.25
C TYR A 223 -19.00 -22.54 -8.71
N ARG A 224 -18.59 -21.32 -8.38
CA ARG A 224 -17.28 -20.91 -8.81
C ARG A 224 -16.26 -20.74 -7.70
N ILE A 225 -15.09 -21.28 -7.96
CA ILE A 225 -13.99 -21.26 -7.01
C ILE A 225 -13.04 -20.11 -7.33
N ASP A 226 -12.54 -19.46 -6.27
CA ASP A 226 -11.63 -18.33 -6.38
C ASP A 226 -10.34 -18.62 -5.65
N ILE A 227 -9.39 -19.23 -6.35
CA ILE A 227 -8.09 -19.61 -5.79
C ILE A 227 -7.14 -18.45 -5.71
N THR A 228 -6.42 -18.33 -4.61
CA THR A 228 -5.49 -17.22 -4.46
C THR A 228 -4.15 -17.62 -3.88
N ALA A 229 -3.25 -18.07 -4.75
CA ALA A 229 -1.92 -18.49 -4.32
C ALA A 229 -0.92 -17.35 -4.50
N PRO A 230 0.37 -17.66 -4.45
CA PRO A 230 1.31 -16.56 -4.62
C PRO A 230 1.82 -16.52 -6.05
N ASP A 231 1.29 -17.37 -6.91
CA ASP A 231 1.70 -17.36 -8.31
C ASP A 231 0.98 -18.41 -9.11
N TYR A 232 0.60 -18.03 -10.31
CA TYR A 232 -0.11 -18.91 -11.17
C TYR A 232 0.32 -20.37 -11.10
N TYR A 233 1.61 -20.64 -11.04
CA TYR A 233 2.02 -22.03 -10.96
C TYR A 233 1.14 -22.67 -9.88
N LYS A 234 1.38 -22.22 -8.65
CA LYS A 234 0.66 -22.68 -7.48
C LYS A 234 -0.81 -22.81 -7.78
N ALA A 235 -1.44 -21.67 -8.01
CA ALA A 235 -2.86 -21.57 -8.31
C ALA A 235 -3.40 -22.64 -9.26
N GLU A 236 -2.75 -22.82 -10.40
CA GLU A 236 -3.23 -23.81 -11.34
C GLU A 236 -3.16 -25.18 -10.71
N GLU A 237 -2.17 -25.38 -9.85
CA GLU A 237 -2.02 -26.68 -9.23
C GLU A 237 -3.01 -26.88 -8.09
N VAL A 238 -3.37 -25.79 -7.41
CA VAL A 238 -4.31 -25.88 -6.32
C VAL A 238 -5.71 -26.13 -6.87
N LEU A 239 -5.94 -25.78 -8.12
CA LEU A 239 -7.26 -25.99 -8.66
C LEU A 239 -7.36 -27.44 -9.00
N GLU A 240 -6.33 -27.96 -9.69
CA GLU A 240 -6.35 -29.36 -10.08
C GLU A 240 -6.46 -30.22 -8.83
N SER A 241 -5.93 -29.73 -7.72
CA SER A 241 -6.06 -30.46 -6.47
C SER A 241 -7.57 -30.52 -6.22
N ILE A 242 -8.20 -29.36 -6.03
CA ILE A 242 -9.63 -29.27 -5.80
C ILE A 242 -10.43 -29.85 -6.97
N ALA A 243 -9.75 -30.43 -7.94
CA ALA A 243 -10.46 -31.01 -9.07
C ALA A 243 -10.84 -32.39 -8.59
N GLU A 244 -9.85 -33.27 -8.49
CA GLU A 244 -10.05 -34.63 -8.01
C GLU A 244 -10.92 -34.53 -6.75
N GLU A 245 -10.34 -33.98 -5.70
CA GLU A 245 -11.01 -33.80 -4.42
C GLU A 245 -12.51 -33.68 -4.55
N ILE A 246 -12.98 -32.82 -5.45
CA ILE A 246 -14.43 -32.68 -5.62
C ILE A 246 -14.98 -33.85 -6.42
N LEU A 247 -14.69 -33.88 -7.71
CA LEU A 247 -15.16 -34.94 -8.62
C LEU A 247 -15.27 -36.30 -7.93
N ARG A 248 -14.16 -36.69 -7.31
CA ARG A 248 -14.08 -37.94 -6.58
C ARG A 248 -15.21 -37.96 -5.57
N VAL A 249 -15.00 -37.26 -4.45
CA VAL A 249 -15.99 -37.20 -3.38
C VAL A 249 -17.47 -37.09 -3.73
N ILE A 250 -17.85 -36.32 -4.74
CA ILE A 250 -19.28 -36.27 -5.01
C ILE A 250 -19.65 -37.52 -5.78
N LYS A 251 -18.68 -38.11 -6.47
CA LYS A 251 -18.95 -39.34 -7.20
C LYS A 251 -19.29 -40.46 -6.21
N GLU A 252 -18.46 -40.60 -5.17
CA GLU A 252 -18.63 -41.61 -4.11
C GLU A 252 -20.03 -41.51 -3.51
N ALA A 253 -20.59 -40.30 -3.55
CA ALA A 253 -21.94 -40.07 -3.03
C ALA A 253 -22.93 -40.04 -4.20
N GLY A 254 -22.53 -40.64 -5.31
CA GLY A 254 -23.36 -40.77 -6.49
C GLY A 254 -23.64 -39.53 -7.32
N GLY A 255 -22.68 -38.61 -7.35
CA GLY A 255 -22.87 -37.38 -8.09
C GLY A 255 -21.91 -37.21 -9.23
N GLU A 256 -22.09 -36.13 -9.98
CA GLU A 256 -21.24 -35.82 -11.13
C GLU A 256 -20.80 -34.38 -11.14
N ALA A 257 -19.58 -34.14 -10.67
CA ALA A 257 -19.02 -32.80 -10.63
C ALA A 257 -17.97 -32.69 -11.73
N THR A 258 -17.99 -31.59 -12.46
CA THR A 258 -17.04 -31.36 -13.53
C THR A 258 -16.58 -29.91 -13.55
N LEU A 259 -15.37 -29.71 -14.06
CA LEU A 259 -14.80 -28.37 -14.18
C LEU A 259 -15.23 -27.92 -15.56
N LEU A 260 -14.80 -26.74 -15.99
CA LEU A 260 -15.19 -26.23 -17.29
C LEU A 260 -14.02 -25.43 -17.89
N ARG A 261 -13.34 -25.95 -18.90
CA ARG A 261 -12.22 -25.21 -19.50
C ARG A 261 -11.59 -26.08 -20.59
N LYS A 262 -11.77 -27.40 -20.48
CA LYS A 262 -11.21 -28.37 -21.44
C LYS A 262 -11.04 -27.88 -22.89
N GLU A 263 -12.16 -27.74 -23.62
CA GLU A 263 -12.13 -27.27 -25.01
C GLU A 263 -11.18 -28.09 -25.91
N LYS A 264 -10.42 -28.98 -25.30
CA LYS A 264 -9.46 -29.84 -26.00
C LYS A 264 -8.40 -29.04 -26.78
#